data_5MPY
#
_entry.id   5MPY
#
_cell.length_a   73.875
_cell.length_b   73.875
_cell.length_c   264.938
_cell.angle_alpha   90.000
_cell.angle_beta   90.000
_cell.angle_gamma   120.000
#
_symmetry.space_group_name_H-M   'P 65 2 2'
#
loop_
_entity.id
_entity.type
_entity.pdbx_description
1 polymer 'Multiple organellar RNA editing factor 9, chloroplastic'
2 non-polymer 'CALCIUM ION'
3 water water
#
_entity_poly.entity_id   1
_entity_poly.type   'polypeptide(L)'
_entity_poly.pdbx_seq_one_letter_code
;DYNHWLIVMEFPKDPAPSRDQMIDTYLNTLATVLGSMEEAKKNMYAFSTTTYTGFQCTIDEETSEKFKGLPGVLWVLPDS
YIDVKNKDYGGDKYINGEIIP
;
_entity_poly.pdbx_strand_id   A,B
#
# COMPACT_ATOMS: atom_id res chain seq x y z
N ASP A 1 6.17 -17.47 -14.55
CA ASP A 1 6.84 -16.73 -15.63
C ASP A 1 7.77 -15.64 -15.07
N TYR A 2 7.19 -14.45 -14.92
CA TYR A 2 7.87 -13.24 -14.44
C TYR A 2 7.17 -12.72 -13.19
N ASN A 3 7.93 -12.04 -12.35
CA ASN A 3 7.38 -11.48 -11.13
C ASN A 3 7.39 -9.97 -11.18
N HIS A 4 6.22 -9.38 -10.95
CA HIS A 4 5.98 -7.96 -11.09
C HIS A 4 5.60 -7.42 -9.72
N TRP A 5 6.19 -6.28 -9.34
CA TRP A 5 6.09 -5.81 -7.97
C TRP A 5 5.61 -4.38 -7.92
N LEU A 6 4.77 -4.09 -6.93
CA LEU A 6 4.51 -2.73 -6.47
C LEU A 6 5.41 -2.48 -5.25
N ILE A 7 6.33 -1.52 -5.37
CA ILE A 7 7.23 -1.13 -4.28
C ILE A 7 6.62 0.11 -3.64
N VAL A 8 6.13 -0.02 -2.41
CA VAL A 8 5.49 1.13 -1.75
C VAL A 8 6.55 1.85 -0.92
N MET A 9 6.62 3.17 -1.07
CA MET A 9 7.64 3.94 -0.42
C MET A 9 7.01 5.01 0.42
N GLU A 10 7.78 5.51 1.40
CA GLU A 10 7.34 6.59 2.26
C GLU A 10 8.36 7.71 2.23
N PHE A 11 7.87 8.94 2.17
CA PHE A 11 8.73 10.11 2.16
C PHE A 11 8.44 10.99 3.37
N PRO A 12 9.44 11.72 3.86
CA PRO A 12 9.21 12.72 4.91
C PRO A 12 8.15 13.73 4.48
N LYS A 13 7.49 14.32 5.47
CA LYS A 13 6.40 15.26 5.21
C LYS A 13 6.73 16.70 5.55
N ASP A 14 7.78 16.94 6.34
CA ASP A 14 8.17 18.32 6.62
C ASP A 14 9.70 18.47 6.66
N PRO A 15 10.28 19.01 5.56
CA PRO A 15 9.52 19.38 4.36
C PRO A 15 9.26 18.15 3.47
N ALA A 16 8.31 18.24 2.55
CA ALA A 16 8.07 17.14 1.63
C ALA A 16 9.00 17.24 0.44
N PRO A 17 9.34 16.12 -0.17
CA PRO A 17 10.11 16.16 -1.43
C PRO A 17 9.21 16.53 -2.60
N SER A 18 9.85 16.98 -3.68
CA SER A 18 9.08 17.28 -4.87
C SER A 18 8.79 16.00 -5.67
N ARG A 19 7.81 16.12 -6.58
CA ARG A 19 7.55 15.06 -7.55
C ARG A 19 8.83 14.56 -8.19
N ASP A 20 9.64 15.48 -8.76
CA ASP A 20 10.87 15.07 -9.44
C ASP A 20 11.76 14.28 -8.51
N GLN A 21 11.85 14.71 -7.25
CA GLN A 21 12.73 14.04 -6.28
C GLN A 21 12.21 12.65 -5.94
N MET A 22 10.88 12.50 -5.82
CA MET A 22 10.32 11.18 -5.55
C MET A 22 10.59 10.23 -6.71
N ILE A 23 10.30 10.69 -7.94
CA ILE A 23 10.58 9.86 -9.13
C ILE A 23 12.05 9.48 -9.19
N ASP A 24 12.95 10.43 -8.96
CA ASP A 24 14.38 10.12 -8.89
C ASP A 24 14.65 9.04 -7.84
N THR A 25 14.01 9.15 -6.69
CA THR A 25 14.21 8.16 -5.64
C THR A 25 13.75 6.78 -6.07
N TYR A 26 12.59 6.70 -6.76
CA TYR A 26 12.16 5.41 -7.30
C TYR A 26 13.25 4.81 -8.16
N LEU A 27 13.73 5.58 -9.14
CA LEU A 27 14.73 5.07 -10.08
CA LEU A 27 14.74 5.08 -10.08
C LEU A 27 16.04 4.75 -9.37
N ASN A 28 16.43 5.58 -8.39
CA ASN A 28 17.63 5.29 -7.61
C ASN A 28 17.50 3.99 -6.85
N THR A 29 16.37 3.83 -6.16
CA THR A 29 16.12 2.64 -5.38
C THR A 29 16.13 1.39 -6.27
N LEU A 30 15.41 1.44 -7.40
CA LEU A 30 15.48 0.33 -8.35
C LEU A 30 16.90 0.10 -8.85
N ALA A 31 17.60 1.18 -9.20
CA ALA A 31 18.97 1.07 -9.73
C ALA A 31 19.90 0.39 -8.73
N THR A 32 19.76 0.71 -7.45
CA THR A 32 20.57 0.05 -6.43
C THR A 32 20.31 -1.46 -6.41
N VAL A 33 19.02 -1.85 -6.41
CA VAL A 33 18.69 -3.26 -6.43
C VAL A 33 19.25 -3.92 -7.70
N LEU A 34 19.05 -3.27 -8.86
CA LEU A 34 19.47 -3.86 -10.13
C LEU A 34 20.98 -3.78 -10.35
N GLY A 35 21.61 -2.73 -9.85
CA GLY A 35 23.02 -2.51 -10.14
C GLY A 35 23.29 -1.69 -11.37
N SER A 36 22.28 -0.98 -11.88
CA SER A 36 22.38 -0.23 -13.12
C SER A 36 21.24 0.75 -13.15
N MET A 37 21.54 2.04 -13.31
CA MET A 37 20.50 3.01 -13.62
C MET A 37 19.92 2.76 -15.00
N GLU A 38 20.77 2.39 -15.97
CA GLU A 38 20.28 2.10 -17.31
C GLU A 38 19.23 0.98 -17.29
N GLU A 39 19.47 -0.08 -16.52
CA GLU A 39 18.46 -1.15 -16.43
C GLU A 39 17.22 -0.64 -15.72
N ALA A 40 17.41 0.18 -14.69
CA ALA A 40 16.26 0.69 -13.95
C ALA A 40 15.32 1.45 -14.86
N LYS A 41 15.85 2.25 -15.78
CA LYS A 41 14.98 3.08 -16.61
C LYS A 41 14.23 2.26 -17.66
N LYS A 42 14.81 1.15 -18.13
CA LYS A 42 14.10 0.25 -19.03
C LYS A 42 13.09 -0.60 -18.29
N ASN A 43 13.32 -0.84 -17.00
CA ASN A 43 12.55 -1.79 -16.20
C ASN A 43 11.28 -1.16 -15.63
N MET A 44 11.41 -0.08 -14.87
CA MET A 44 10.24 0.50 -14.22
C MET A 44 9.17 0.82 -15.25
N TYR A 45 7.92 0.41 -14.97
CA TYR A 45 6.87 0.63 -15.94
C TYR A 45 5.72 1.46 -15.41
N ALA A 46 5.70 1.80 -14.13
CA ALA A 46 4.64 2.68 -13.63
C ALA A 46 5.04 3.14 -12.23
N PHE A 47 4.34 4.16 -11.73
CA PHE A 47 4.70 4.79 -10.48
C PHE A 47 3.61 5.79 -10.16
N SER A 48 3.65 6.31 -8.94
CA SER A 48 2.78 7.40 -8.59
C SER A 48 3.46 8.23 -7.51
N THR A 49 2.95 9.43 -7.38
CA THR A 49 3.44 10.47 -6.52
C THR A 49 2.27 11.12 -5.82
N THR A 50 1.06 10.88 -6.31
CA THR A 50 -0.18 11.50 -5.89
C THR A 50 -1.12 10.44 -5.34
N THR A 51 -1.72 9.66 -6.23
CA THR A 51 -2.65 8.61 -5.83
C THR A 51 -2.02 7.65 -4.81
N TYR A 52 -0.78 7.23 -5.07
CA TYR A 52 0.00 6.54 -4.06
C TYR A 52 1.44 7.01 -4.18
N THR A 53 2.34 6.35 -3.46
CA THR A 53 3.73 6.73 -3.40
C THR A 53 4.56 5.45 -3.53
N GLY A 54 4.98 5.16 -4.76
CA GLY A 54 5.72 3.95 -5.03
C GLY A 54 5.81 3.73 -6.52
N PHE A 55 6.35 2.57 -6.89
CA PHE A 55 6.57 2.27 -8.29
C PHE A 55 6.50 0.77 -8.54
N GLN A 56 6.34 0.41 -9.82
CA GLN A 56 6.19 -0.97 -10.22
C GLN A 56 7.35 -1.40 -11.10
N CYS A 57 7.72 -2.67 -11.03
CA CYS A 57 8.95 -3.11 -11.67
C CYS A 57 8.94 -4.64 -11.69
N THR A 58 9.89 -5.21 -12.44
CA THR A 58 9.92 -6.65 -12.71
C THR A 58 11.28 -7.21 -12.37
N ILE A 59 11.36 -7.99 -11.29
CA ILE A 59 12.58 -8.67 -10.86
C ILE A 59 12.20 -10.00 -10.21
N ASP A 60 13.20 -10.87 -10.04
CA ASP A 60 12.84 -12.10 -9.36
C ASP A 60 12.70 -11.86 -7.85
N GLU A 61 12.13 -12.86 -7.17
CA GLU A 61 11.75 -12.70 -5.78
C GLU A 61 12.97 -12.45 -4.90
N GLU A 62 14.02 -13.24 -5.10
CA GLU A 62 15.25 -13.05 -4.34
C GLU A 62 15.75 -11.62 -4.44
N THR A 63 15.80 -11.09 -5.66
CA THR A 63 16.32 -9.74 -5.85
C THR A 63 15.39 -8.71 -5.24
N SER A 64 14.09 -8.98 -5.27
CA SER A 64 13.16 -8.04 -4.68
C SER A 64 13.35 -7.87 -3.18
N GLU A 65 13.94 -8.86 -2.50
CA GLU A 65 14.20 -8.70 -1.07
C GLU A 65 15.24 -7.60 -0.81
N LYS A 66 16.10 -7.28 -1.79
CA LYS A 66 17.08 -6.22 -1.60
C LYS A 66 16.45 -4.87 -1.31
N PHE A 67 15.20 -4.67 -1.71
CA PHE A 67 14.54 -3.39 -1.45
C PHE A 67 14.38 -3.11 0.03
N LYS A 68 14.27 -4.16 0.86
CA LYS A 68 13.82 -4.00 2.24
C LYS A 68 14.89 -3.40 3.14
N GLY A 69 16.15 -3.48 2.74
CA GLY A 69 17.24 -2.75 3.37
C GLY A 69 17.33 -1.30 2.99
N LEU A 70 16.50 -0.82 2.07
CA LEU A 70 16.77 0.52 1.59
C LEU A 70 15.81 1.53 2.20
N PRO A 71 16.28 2.75 2.43
CA PRO A 71 15.46 3.74 3.13
C PRO A 71 14.20 4.09 2.36
N GLY A 72 13.08 4.20 3.08
CA GLY A 72 11.82 4.58 2.47
C GLY A 72 10.97 3.43 1.98
N VAL A 73 11.54 2.24 1.81
CA VAL A 73 10.78 1.11 1.31
C VAL A 73 9.91 0.57 2.45
N LEU A 74 8.59 0.71 2.31
CA LEU A 74 7.62 0.18 3.28
C LEU A 74 7.24 -1.26 2.96
N TRP A 75 6.68 -1.49 1.75
CA TRP A 75 6.26 -2.83 1.34
C TRP A 75 6.84 -3.20 -0.01
N VAL A 76 7.09 -4.49 -0.18
CA VAL A 76 7.42 -5.08 -1.47
C VAL A 76 6.30 -6.07 -1.81
N LEU A 77 5.23 -5.57 -2.56
CA LEU A 77 3.98 -6.24 -2.88
C LEU A 77 3.99 -6.80 -4.30
N PRO A 78 3.32 -7.93 -4.55
CA PRO A 78 3.13 -8.37 -5.93
C PRO A 78 2.23 -7.37 -6.66
N ASP A 79 2.51 -7.14 -7.94
CA ASP A 79 1.64 -6.26 -8.72
C ASP A 79 0.30 -6.97 -8.94
N SER A 80 -0.79 -6.39 -8.41
CA SER A 80 -2.10 -7.05 -8.50
C SER A 80 -2.82 -6.81 -9.84
N TYR A 81 -2.40 -5.81 -10.60
CA TYR A 81 -3.21 -5.32 -11.69
C TYR A 81 -2.54 -5.37 -13.05
N ILE A 82 -1.24 -5.68 -13.12
CA ILE A 82 -0.53 -5.55 -14.36
C ILE A 82 -1.16 -6.41 -15.45
N ASP A 83 -1.70 -7.57 -15.10
CA ASP A 83 -2.29 -8.46 -16.09
C ASP A 83 -3.80 -8.63 -15.86
N VAL A 84 -4.47 -7.56 -15.48
CA VAL A 84 -5.91 -7.55 -15.25
C VAL A 84 -6.49 -6.40 -16.06
N LYS A 85 -7.36 -6.73 -17.02
CA LYS A 85 -7.96 -5.71 -17.87
C LYS A 85 -8.83 -4.76 -17.06
N ASN A 86 -8.72 -3.46 -17.35
CA ASN A 86 -9.59 -2.43 -16.79
C ASN A 86 -9.46 -2.29 -15.27
N LYS A 87 -8.38 -2.79 -14.68
CA LYS A 87 -8.08 -2.50 -13.28
C LYS A 87 -6.61 -2.11 -13.15
N ASP A 88 -6.36 -1.10 -12.32
CA ASP A 88 -5.00 -0.60 -12.11
C ASP A 88 -4.96 0.15 -10.79
N TYR A 89 -3.75 0.59 -10.41
CA TYR A 89 -3.56 1.30 -9.16
C TYR A 89 -3.79 2.79 -9.31
N GLY A 90 -4.10 3.26 -10.51
CA GLY A 90 -4.19 4.68 -10.76
C GLY A 90 -2.86 5.39 -10.94
N GLY A 91 -1.78 4.64 -11.14
CA GLY A 91 -0.48 5.24 -11.32
C GLY A 91 -0.20 5.68 -12.74
N ASP A 92 0.79 6.54 -12.86
CA ASP A 92 1.26 7.01 -14.14
C ASP A 92 2.21 6.00 -14.74
N LYS A 93 2.27 6.00 -16.07
CA LYS A 93 3.10 5.05 -16.79
C LYS A 93 4.48 5.66 -17.01
N TYR A 94 5.45 4.77 -17.18
CA TYR A 94 6.83 5.16 -17.38
C TYR A 94 7.38 4.22 -18.42
N ILE A 95 7.97 4.77 -19.48
CA ILE A 95 8.41 3.90 -20.56
C ILE A 95 9.78 4.35 -20.98
N ASN A 96 10.79 3.58 -20.60
CA ASN A 96 12.16 3.78 -21.05
C ASN A 96 12.57 5.26 -21.00
N GLY A 97 12.19 5.94 -19.91
CA GLY A 97 12.55 7.33 -19.66
C GLY A 97 11.42 8.31 -19.84
N GLU A 98 10.34 7.93 -20.51
CA GLU A 98 9.19 8.81 -20.70
C GLU A 98 8.22 8.65 -19.55
N ILE A 99 7.97 9.74 -18.83
CA ILE A 99 6.79 9.83 -17.99
C ILE A 99 5.61 10.07 -18.91
N ILE A 100 4.64 9.16 -18.87
CA ILE A 100 3.50 9.21 -19.78
C ILE A 100 2.41 10.03 -19.11
N PRO A 101 1.96 11.14 -19.71
CA PRO A 101 0.82 11.94 -19.25
C PRO A 101 -0.52 11.20 -19.38
N ASP B 1 -10.96 -11.62 -8.96
CA ASP B 1 -11.50 -10.46 -8.26
C ASP B 1 -10.98 -10.40 -6.83
N TYR B 2 -10.82 -9.18 -6.30
CA TYR B 2 -10.31 -8.98 -4.95
C TYR B 2 -11.48 -8.85 -3.97
N ASN B 3 -11.48 -9.70 -2.95
CA ASN B 3 -12.48 -9.68 -1.89
C ASN B 3 -11.96 -9.05 -0.60
N HIS B 4 -10.66 -8.90 -0.47
CA HIS B 4 -10.03 -8.44 0.75
C HIS B 4 -9.20 -7.19 0.47
N TRP B 5 -9.37 -6.18 1.31
CA TRP B 5 -8.82 -4.86 1.05
C TRP B 5 -8.00 -4.35 2.23
N LEU B 6 -6.91 -3.66 1.91
CA LEU B 6 -6.08 -2.94 2.88
C LEU B 6 -6.44 -1.45 2.74
N ILE B 7 -7.03 -0.89 3.79
CA ILE B 7 -7.43 0.50 3.85
C ILE B 7 -6.36 1.26 4.64
N VAL B 8 -5.58 2.12 3.98
CA VAL B 8 -4.52 2.89 4.63
C VAL B 8 -5.05 4.26 5.02
N MET B 9 -4.89 4.63 6.29
CA MET B 9 -5.48 5.86 6.80
C MET B 9 -4.38 6.82 7.27
N GLU B 10 -4.74 8.08 7.44
CA GLU B 10 -3.80 9.09 7.89
C GLU B 10 -4.33 9.76 9.15
N PHE B 11 -3.40 10.10 10.04
CA PHE B 11 -3.75 10.69 11.32
C PHE B 11 -2.94 11.96 11.55
N PRO B 12 -3.52 12.93 12.27
CA PRO B 12 -2.76 14.17 12.57
C PRO B 12 -1.47 13.85 13.31
N LYS B 13 -0.36 14.30 12.73
CA LYS B 13 0.96 13.95 13.27
C LYS B 13 1.22 14.63 14.61
N ASP B 14 0.54 15.74 14.90
CA ASP B 14 0.63 16.37 16.20
C ASP B 14 -0.60 17.21 16.57
N PRO B 15 -1.16 16.96 17.77
CA PRO B 15 -0.76 15.80 18.59
C PRO B 15 -1.28 14.47 17.99
N ALA B 16 -0.46 13.42 18.09
CA ALA B 16 -0.78 12.13 17.48
C ALA B 16 -1.86 11.41 18.30
N PRO B 17 -2.97 10.98 17.69
CA PRO B 17 -3.94 10.17 18.44
C PRO B 17 -3.30 8.88 18.95
N SER B 18 -3.91 8.35 20.00
CA SER B 18 -3.39 7.13 20.61
C SER B 18 -3.82 5.88 19.82
N ARG B 19 -3.03 4.81 20.00
CA ARG B 19 -3.34 3.50 19.44
C ARG B 19 -4.82 3.17 19.54
N ASP B 20 -5.39 3.30 20.73
CA ASP B 20 -6.80 3.01 20.92
C ASP B 20 -7.67 3.89 20.03
N GLN B 21 -7.33 5.18 19.93
CA GLN B 21 -8.15 6.10 19.14
C GLN B 21 -8.04 5.81 17.66
N MET B 22 -6.86 5.39 17.21
CA MET B 22 -6.69 4.97 15.82
C MET B 22 -7.56 3.77 15.51
N ILE B 23 -7.44 2.72 16.34
CA ILE B 23 -8.26 1.53 16.15
C ILE B 23 -9.73 1.89 16.16
N ASP B 24 -10.15 2.79 17.05
CA ASP B 24 -11.55 3.21 17.03
C ASP B 24 -11.91 3.88 15.71
N THR B 25 -10.95 4.57 15.09
CA THR B 25 -11.22 5.22 13.80
C THR B 25 -11.40 4.18 12.70
N TYR B 26 -10.48 3.21 12.63
CA TYR B 26 -10.64 2.06 11.74
C TYR B 26 -12.04 1.49 11.85
N LEU B 27 -12.43 1.10 13.06
CA LEU B 27 -13.71 0.44 13.25
C LEU B 27 -14.87 1.34 12.86
N ASN B 28 -14.76 2.64 13.17
CA ASN B 28 -15.84 3.54 12.78
C ASN B 28 -15.89 3.73 11.28
N THR B 29 -14.73 3.65 10.63
CA THR B 29 -14.66 3.78 9.17
C THR B 29 -15.28 2.56 8.50
N LEU B 30 -14.95 1.37 8.99
CA LEU B 30 -15.56 0.16 8.48
C LEU B 30 -17.06 0.15 8.80
N ALA B 31 -17.42 0.55 10.02
CA ALA B 31 -18.83 0.55 10.42
C ALA B 31 -19.67 1.43 9.52
N THR B 32 -19.12 2.60 9.15
CA THR B 32 -19.77 3.48 8.18
C THR B 32 -20.05 2.77 6.86
N VAL B 33 -19.09 1.97 6.37
CA VAL B 33 -19.28 1.28 5.10
C VAL B 33 -20.17 0.06 5.27
N LEU B 34 -20.04 -0.66 6.39
CA LEU B 34 -20.73 -1.93 6.58
C LEU B 34 -22.15 -1.79 7.10
N GLY B 35 -22.41 -0.77 7.92
CA GLY B 35 -23.73 -0.54 8.47
C GLY B 35 -23.74 -0.48 9.99
N SER B 36 -22.81 -1.16 10.65
CA SER B 36 -22.87 -1.31 12.10
C SER B 36 -21.47 -1.56 12.66
N MET B 37 -21.25 -1.03 13.87
CA MET B 37 -20.02 -1.29 14.59
C MET B 37 -19.84 -2.77 14.90
N GLU B 38 -20.94 -3.50 15.09
CA GLU B 38 -20.79 -4.92 15.40
C GLU B 38 -20.32 -5.70 14.18
N GLU B 39 -20.87 -5.38 13.00
CA GLU B 39 -20.35 -5.96 11.76
C GLU B 39 -18.86 -5.66 11.60
N ALA B 40 -18.46 -4.41 11.84
CA ALA B 40 -17.06 -4.03 11.69
C ALA B 40 -16.16 -4.88 12.58
N LYS B 41 -16.49 -5.00 13.88
CA LYS B 41 -15.65 -5.77 14.79
C LYS B 41 -15.57 -7.24 14.38
N LYS B 42 -16.63 -7.78 13.78
N LYS B 42 -16.63 -7.78 13.78
CA LYS B 42 -16.56 -9.17 13.37
CA LYS B 42 -16.56 -9.18 13.36
C LYS B 42 -15.91 -9.35 12.00
C LYS B 42 -15.96 -9.35 11.97
N ASN B 43 -15.68 -8.26 11.26
CA ASN B 43 -15.14 -8.34 9.90
C ASN B 43 -13.64 -8.10 9.88
N MET B 44 -13.19 -6.93 10.35
CA MET B 44 -11.76 -6.58 10.36
C MET B 44 -10.94 -7.71 10.96
N TYR B 45 -9.86 -8.09 10.26
CA TYR B 45 -9.05 -9.19 10.72
C TYR B 45 -7.58 -8.84 10.97
N ALA B 46 -7.15 -7.62 10.64
CA ALA B 46 -5.78 -7.20 10.90
C ALA B 46 -5.74 -5.68 10.78
N PHE B 47 -4.67 -5.09 11.30
CA PHE B 47 -4.57 -3.64 11.40
C PHE B 47 -3.17 -3.31 11.87
N SER B 48 -2.84 -2.02 11.82
CA SER B 48 -1.62 -1.54 12.46
C SER B 48 -1.82 -0.08 12.85
N THR B 49 -1.15 0.31 13.93
CA THR B 49 -0.96 1.71 14.26
C THR B 49 0.51 2.07 14.39
N THR B 50 1.41 1.14 14.06
CA THR B 50 2.85 1.32 14.20
C THR B 50 3.54 1.14 12.83
N THR B 51 3.81 -0.11 12.40
CA THR B 51 4.41 -0.35 11.09
C THR B 51 3.70 0.40 9.97
N TYR B 52 2.38 0.58 10.10
CA TYR B 52 1.62 1.44 9.20
C TYR B 52 0.38 1.84 9.98
N THR B 53 -0.40 2.75 9.44
CA THR B 53 -1.69 3.05 10.04
C THR B 53 -2.77 2.68 9.02
N GLY B 54 -3.27 1.46 9.14
CA GLY B 54 -4.43 1.05 8.36
C GLY B 54 -4.98 -0.26 8.89
N PHE B 55 -5.93 -0.83 8.14
CA PHE B 55 -6.59 -2.06 8.56
C PHE B 55 -7.03 -2.89 7.34
N GLN B 56 -7.20 -4.19 7.56
CA GLN B 56 -7.56 -5.12 6.51
C GLN B 56 -8.96 -5.66 6.76
N CYS B 57 -9.72 -5.82 5.68
CA CYS B 57 -11.13 -6.15 5.83
C CYS B 57 -11.61 -6.78 4.54
N THR B 58 -12.84 -7.31 4.59
CA THR B 58 -13.39 -8.10 3.50
C THR B 58 -14.66 -7.42 3.00
N ILE B 59 -14.61 -6.91 1.77
CA ILE B 59 -15.76 -6.32 1.08
C ILE B 59 -15.58 -6.60 -0.41
N ASP B 60 -16.67 -6.50 -1.17
CA ASP B 60 -16.49 -6.63 -2.62
C ASP B 60 -15.91 -5.33 -3.18
N GLU B 61 -15.45 -5.39 -4.43
CA GLU B 61 -14.75 -4.24 -5.01
C GLU B 61 -15.62 -2.99 -4.99
N GLU B 62 -16.87 -3.11 -5.44
CA GLU B 62 -17.76 -1.96 -5.48
C GLU B 62 -17.86 -1.29 -4.13
N THR B 63 -17.98 -2.07 -3.06
CA THR B 63 -18.06 -1.51 -1.72
C THR B 63 -16.73 -0.88 -1.28
N SER B 64 -15.59 -1.40 -1.73
CA SER B 64 -14.30 -0.82 -1.35
C SER B 64 -14.18 0.63 -1.81
N GLU B 65 -14.88 0.99 -2.88
CA GLU B 65 -14.93 2.36 -3.37
C GLU B 65 -15.52 3.32 -2.34
N LYS B 66 -16.51 2.85 -1.56
CA LYS B 66 -17.11 3.69 -0.51
C LYS B 66 -16.09 4.16 0.52
N PHE B 67 -14.91 3.52 0.60
CA PHE B 67 -13.90 3.99 1.52
C PHE B 67 -13.21 5.26 1.03
N LYS B 68 -13.08 5.43 -0.28
CA LYS B 68 -12.45 6.63 -0.82
C LYS B 68 -13.33 7.84 -0.54
N GLY B 69 -12.73 8.92 -0.08
CA GLY B 69 -13.47 10.11 0.28
C GLY B 69 -13.85 10.19 1.73
N LEU B 70 -13.87 9.06 2.44
CA LEU B 70 -14.18 9.10 3.86
C LEU B 70 -13.04 9.75 4.64
N PRO B 71 -13.35 10.46 5.71
CA PRO B 71 -12.33 11.18 6.48
C PRO B 71 -11.18 10.28 6.89
N GLY B 72 -9.95 10.75 6.63
CA GLY B 72 -8.76 10.02 7.00
C GLY B 72 -8.33 8.93 6.04
N VAL B 73 -9.23 8.45 5.18
CA VAL B 73 -8.84 7.41 4.24
C VAL B 73 -7.89 7.98 3.21
N LEU B 74 -6.73 7.34 3.09
CA LEU B 74 -5.66 7.75 2.19
C LEU B 74 -5.57 6.92 0.92
N TRP B 75 -5.73 5.60 1.04
CA TRP B 75 -5.41 4.70 -0.06
C TRP B 75 -6.09 3.36 0.18
N VAL B 76 -6.68 2.80 -0.88
CA VAL B 76 -7.41 1.55 -0.83
C VAL B 76 -6.70 0.58 -1.74
N LEU B 77 -6.12 -0.46 -1.14
CA LEU B 77 -5.25 -1.43 -1.76
CA LEU B 77 -5.24 -1.45 -1.74
C LEU B 77 -5.88 -2.82 -1.64
N PRO B 78 -5.64 -3.72 -2.59
CA PRO B 78 -6.09 -5.11 -2.37
C PRO B 78 -5.12 -5.81 -1.45
N ASP B 79 -5.67 -6.63 -0.56
CA ASP B 79 -4.87 -7.43 0.37
C ASP B 79 -4.31 -8.63 -0.38
N SER B 80 -3.05 -8.56 -0.78
CA SER B 80 -2.34 -9.66 -1.42
C SER B 80 -1.87 -10.72 -0.45
N TYR B 81 -1.82 -10.44 0.84
CA TYR B 81 -1.07 -11.31 1.72
C TYR B 81 -1.95 -12.09 2.67
N ILE B 82 -3.24 -11.78 2.76
CA ILE B 82 -4.18 -12.51 3.61
C ILE B 82 -4.02 -14.01 3.48
N ASP B 83 -3.64 -14.48 2.30
CA ASP B 83 -3.62 -15.92 2.06
C ASP B 83 -2.30 -16.41 1.50
N VAL B 84 -1.20 -15.70 1.74
CA VAL B 84 0.12 -16.12 1.26
C VAL B 84 0.95 -16.54 2.47
N LYS B 85 1.52 -17.74 2.42
CA LYS B 85 2.32 -18.23 3.53
C LYS B 85 3.54 -17.35 3.71
N ASN B 86 3.84 -17.00 4.97
CA ASN B 86 5.12 -16.36 5.31
C ASN B 86 5.29 -14.99 4.63
N LYS B 87 4.17 -14.30 4.41
CA LYS B 87 4.19 -12.92 3.93
C LYS B 87 3.02 -12.20 4.57
N ASP B 88 3.21 -10.91 4.83
CA ASP B 88 2.24 -10.10 5.54
C ASP B 88 2.69 -8.66 5.44
N TYR B 89 1.82 -7.74 5.85
CA TYR B 89 2.12 -6.31 5.89
C TYR B 89 2.79 -5.88 7.19
N GLY B 90 3.21 -6.83 8.03
CA GLY B 90 3.76 -6.47 9.33
C GLY B 90 2.70 -5.94 10.27
N GLY B 91 1.43 -6.33 10.07
CA GLY B 91 0.36 -5.88 10.94
C GLY B 91 0.12 -6.78 12.16
N ASP B 92 -0.80 -6.33 13.00
CA ASP B 92 -1.32 -7.13 14.11
C ASP B 92 -2.65 -7.78 13.73
N LYS B 93 -2.97 -8.91 14.37
CA LYS B 93 -4.23 -9.59 14.12
C LYS B 93 -5.31 -9.06 15.04
N TYR B 94 -6.55 -9.10 14.55
CA TYR B 94 -7.72 -8.68 15.30
C TYR B 94 -8.80 -9.72 15.07
N ILE B 95 -9.37 -10.28 16.14
CA ILE B 95 -10.32 -11.39 16.04
C ILE B 95 -11.56 -11.02 16.84
N ASN B 96 -12.63 -10.64 16.13
CA ASN B 96 -13.96 -10.52 16.71
C ASN B 96 -13.95 -9.64 17.96
N GLY B 97 -13.20 -8.55 17.91
CA GLY B 97 -13.22 -7.55 18.97
C GLY B 97 -12.00 -7.52 19.86
N GLU B 98 -11.05 -8.44 19.66
CA GLU B 98 -9.92 -8.57 20.55
C GLU B 98 -8.63 -8.43 19.75
N ILE B 99 -7.80 -7.45 20.14
CA ILE B 99 -6.45 -7.36 19.60
C ILE B 99 -5.66 -8.58 20.02
N ILE B 100 -4.95 -9.20 19.09
CA ILE B 100 -4.17 -10.39 19.35
C ILE B 100 -2.72 -9.97 19.61
N PRO B 101 -2.08 -10.46 20.68
CA PRO B 101 -0.71 -10.16 21.08
C PRO B 101 0.37 -10.55 20.05
#